data_2F87
#
_entry.id   2F87
#
_cell.length_a   1.000
_cell.length_b   1.000
_cell.length_c   1.000
_cell.angle_alpha   90.00
_cell.angle_beta   90.00
_cell.angle_gamma   90.00
#
_symmetry.space_group_name_H-M   'P 1'
#
_entity_poly.entity_id   1
_entity_poly.type   'polyribonucleotide'
_entity_poly.pdbx_seq_one_letter_code
;GGCUGAAGGGCC
;
_entity_poly.pdbx_strand_id   A
#